data_7M2B
#
_entry.id   7M2B
#
_entity_poly.entity_id   1
_entity_poly.type   'polypeptide(L)'
_entity_poly.pdbx_seq_one_letter_code
;TFFNPVID
;
_entity_poly.pdbx_strand_id   A
#
# COMPACT_ATOMS: atom_id res chain seq x y z
N THR A 1 1.83 -1.30 1.62
CA THR A 1 2.42 -1.88 0.44
C THR A 1 2.54 -0.85 -0.71
N PHE A 2 3.53 -1.02 -1.58
CA PHE A 2 3.75 -0.11 -2.70
C PHE A 2 2.53 -0.10 -3.64
N PHE A 3 1.97 -1.27 -3.84
CA PHE A 3 0.82 -1.43 -4.72
C PHE A 3 -0.47 -1.08 -3.99
N ASN A 4 -0.41 -1.07 -2.67
CA ASN A 4 -1.58 -0.76 -1.84
C ASN A 4 -1.17 0.25 -0.79
N PRO A 5 -1.02 1.54 -1.18
CA PRO A 5 -0.52 2.59 -0.26
C PRO A 5 -1.42 2.79 0.94
N VAL A 6 -2.69 2.42 0.78
CA VAL A 6 -3.66 2.51 1.84
C VAL A 6 -3.25 1.65 3.06
N ILE A 7 -2.68 0.48 2.82
CA ILE A 7 -2.28 -0.36 3.92
C ILE A 7 -0.82 -0.08 4.32
N ASP A 8 0.10 -0.06 3.32
CA ASP A 8 1.57 0.17 3.52
C ASP A 8 2.33 -0.27 2.28
N THR A 1 1.79 -0.94 1.37
CA THR A 1 2.47 -1.78 0.45
C THR A 1 2.73 -0.92 -0.78
N PHE A 2 3.66 -1.29 -1.62
CA PHE A 2 3.96 -0.51 -2.82
C PHE A 2 2.75 -0.38 -3.74
N PHE A 3 2.02 -1.46 -3.93
CA PHE A 3 0.85 -1.43 -4.79
C PHE A 3 -0.40 -0.95 -4.01
N ASN A 4 -0.31 -0.96 -2.68
CA ASN A 4 -1.49 -0.63 -1.85
C ASN A 4 -1.14 0.39 -0.77
N PRO A 5 -1.39 1.69 -1.03
CA PRO A 5 -1.06 2.80 -0.11
C PRO A 5 -1.63 2.66 1.33
N VAL A 6 -2.93 2.39 1.48
CA VAL A 6 -3.52 2.34 2.83
C VAL A 6 -3.28 1.01 3.52
N ILE A 7 -2.88 0.03 2.74
CA ILE A 7 -2.53 -1.28 3.28
C ILE A 7 -1.04 -1.27 3.66
N ASP A 8 -0.35 -0.23 3.18
CA ASP A 8 1.07 -0.02 3.40
C ASP A 8 1.87 -1.04 2.65
N THR A 1 1.85 -0.80 1.40
CA THR A 1 2.69 -1.65 0.61
C THR A 1 2.78 -0.98 -0.77
N PHE A 2 3.76 -1.36 -1.59
CA PHE A 2 4.05 -0.70 -2.88
C PHE A 2 2.81 -0.49 -3.79
N PHE A 3 1.94 -1.46 -3.90
CA PHE A 3 0.79 -1.33 -4.80
C PHE A 3 -0.44 -0.82 -4.06
N ASN A 4 -0.43 -0.92 -2.74
CA ASN A 4 -1.58 -0.54 -1.94
C ASN A 4 -1.22 0.39 -0.80
N PRO A 5 -1.32 1.72 -1.02
CA PRO A 5 -1.05 2.73 0.01
C PRO A 5 -1.85 2.50 1.30
N VAL A 6 -3.11 2.06 1.19
CA VAL A 6 -3.95 1.83 2.38
C VAL A 6 -3.44 0.67 3.24
N ILE A 7 -2.84 -0.31 2.61
CA ILE A 7 -2.30 -1.47 3.33
C ILE A 7 -0.83 -1.17 3.71
N ASP A 8 -0.32 -0.10 3.13
CA ASP A 8 1.06 0.36 3.29
C ASP A 8 2.02 -0.62 2.67
N THR A 1 1.91 -1.19 1.57
CA THR A 1 2.69 -1.86 0.57
C THR A 1 2.72 -0.98 -0.71
N PHE A 2 3.71 -1.17 -1.58
CA PHE A 2 3.86 -0.31 -2.78
C PHE A 2 2.65 -0.30 -3.70
N PHE A 3 1.96 -1.41 -3.85
CA PHE A 3 0.82 -1.44 -4.76
C PHE A 3 -0.46 -0.96 -4.04
N ASN A 4 -0.44 -0.98 -2.73
CA ASN A 4 -1.62 -0.58 -1.96
C ASN A 4 -1.23 0.38 -0.86
N PRO A 5 -1.33 1.70 -1.12
CA PRO A 5 -0.89 2.76 -0.19
C PRO A 5 -1.55 2.67 1.17
N VAL A 6 -2.83 2.34 1.22
CA VAL A 6 -3.52 2.24 2.51
C VAL A 6 -3.09 0.99 3.29
N ILE A 7 -2.58 0.01 2.57
CA ILE A 7 -2.08 -1.22 3.17
C ILE A 7 -0.57 -1.05 3.48
N ASP A 8 -0.01 0.08 3.01
CA ASP A 8 1.42 0.48 3.24
C ASP A 8 2.38 -0.16 2.23
N THR A 1 2.18 -1.10 1.61
CA THR A 1 2.89 -1.91 0.64
C THR A 1 2.89 -1.18 -0.74
N PHE A 2 3.84 -1.51 -1.62
CA PHE A 2 4.09 -0.77 -2.87
C PHE A 2 2.84 -0.40 -3.70
N PHE A 3 1.93 -1.32 -3.90
CA PHE A 3 0.79 -1.01 -4.75
C PHE A 3 -0.51 -0.86 -3.97
N ASN A 4 -0.42 -0.84 -2.67
CA ASN A 4 -1.59 -0.63 -1.83
C ASN A 4 -1.31 0.46 -0.81
N PRO A 5 -1.59 1.73 -1.17
CA PRO A 5 -1.36 2.90 -0.31
C PRO A 5 -1.86 2.76 1.14
N VAL A 6 -3.05 2.18 1.33
CA VAL A 6 -3.62 2.09 2.70
C VAL A 6 -2.93 0.96 3.49
N ILE A 7 -2.35 0.03 2.78
CA ILE A 7 -1.66 -1.10 3.40
C ILE A 7 -0.17 -0.75 3.58
N ASP A 8 0.25 0.31 2.89
CA ASP A 8 1.64 0.87 2.92
C ASP A 8 2.57 0.10 1.97
N THR A 1 1.91 -1.44 1.63
CA THR A 1 2.42 -1.98 0.38
C THR A 1 2.53 -0.89 -0.72
N PHE A 2 3.51 -0.97 -1.59
CA PHE A 2 3.65 0.03 -2.64
C PHE A 2 2.51 -0.07 -3.63
N PHE A 3 2.00 -1.28 -3.82
CA PHE A 3 0.86 -1.50 -4.69
C PHE A 3 -0.45 -1.13 -3.98
N ASN A 4 -0.42 -1.11 -2.66
CA ASN A 4 -1.59 -0.73 -1.88
C ASN A 4 -1.19 0.28 -0.81
N PRO A 5 -1.08 1.56 -1.18
CA PRO A 5 -0.53 2.62 -0.31
C PRO A 5 -1.34 2.90 0.94
N VAL A 6 -2.57 2.42 1.00
CA VAL A 6 -3.38 2.67 2.17
C VAL A 6 -3.03 1.76 3.34
N ILE A 7 -2.55 0.54 3.06
CA ILE A 7 -2.14 -0.33 4.15
C ILE A 7 -0.64 -0.17 4.47
N ASP A 8 0.21 -0.18 3.42
CA ASP A 8 1.68 -0.08 3.55
C ASP A 8 2.33 -0.34 2.23
N THR A 1 1.83 -1.66 1.61
CA THR A 1 2.83 -1.95 0.58
C THR A 1 2.68 -1.06 -0.69
N PHE A 2 3.71 -1.06 -1.54
CA PHE A 2 3.81 -0.19 -2.74
C PHE A 2 2.54 -0.11 -3.61
N PHE A 3 1.92 -1.24 -3.89
CA PHE A 3 0.73 -1.25 -4.74
C PHE A 3 -0.54 -1.04 -3.95
N ASN A 4 -0.42 -1.01 -2.65
CA ASN A 4 -1.56 -0.79 -1.78
C ASN A 4 -1.22 0.29 -0.75
N PRO A 5 -1.18 1.57 -1.19
CA PRO A 5 -0.69 2.69 -0.37
C PRO A 5 -1.64 3.10 0.75
N VAL A 6 -2.85 2.59 0.74
CA VAL A 6 -3.80 2.87 1.80
C VAL A 6 -3.49 2.00 3.00
N ILE A 7 -3.20 0.75 2.72
CA ILE A 7 -2.95 -0.18 3.79
C ILE A 7 -1.47 -0.28 4.19
N ASP A 8 -0.55 -0.39 3.20
CA ASP A 8 0.87 -0.57 3.53
C ASP A 8 1.81 -0.55 2.32
N THR A 1 1.94 -1.84 1.62
CA THR A 1 2.94 -1.96 0.59
C THR A 1 2.54 -1.08 -0.60
N PHE A 2 3.51 -0.62 -1.38
CA PHE A 2 3.28 0.37 -2.46
C PHE A 2 2.26 0.00 -3.54
N PHE A 3 1.87 -1.27 -3.65
CA PHE A 3 0.85 -1.61 -4.63
C PHE A 3 -0.51 -1.18 -4.08
N ASN A 4 -0.61 -1.13 -2.77
CA ASN A 4 -1.77 -0.63 -2.07
C ASN A 4 -1.28 0.32 -0.99
N PRO A 5 -0.89 1.57 -1.37
CA PRO A 5 -0.24 2.52 -0.43
C PRO A 5 -1.08 2.85 0.80
N VAL A 6 -2.38 2.69 0.67
CA VAL A 6 -3.29 2.95 1.78
C VAL A 6 -3.33 1.75 2.75
N ILE A 7 -2.95 0.59 2.26
CA ILE A 7 -2.98 -0.60 3.10
C ILE A 7 -1.63 -0.79 3.78
N ASP A 8 -0.54 -0.73 3.00
CA ASP A 8 0.83 -0.89 3.53
C ASP A 8 1.87 -0.79 2.42
N THR A 1 1.92 -0.89 1.58
CA THR A 1 2.66 -1.66 0.63
C THR A 1 2.75 -0.93 -0.73
N PHE A 2 3.68 -1.36 -1.59
CA PHE A 2 3.99 -0.66 -2.86
C PHE A 2 2.76 -0.40 -3.75
N PHE A 3 1.92 -1.39 -3.92
CA PHE A 3 0.78 -1.25 -4.82
C PHE A 3 -0.48 -0.87 -4.07
N ASN A 4 -0.42 -0.92 -2.76
CA ASN A 4 -1.57 -0.61 -1.93
C ASN A 4 -1.20 0.34 -0.83
N PRO A 5 -1.30 1.67 -1.08
CA PRO A 5 -0.98 2.71 -0.08
C PRO A 5 -1.73 2.54 1.24
N VAL A 6 -2.96 2.01 1.19
CA VAL A 6 -3.74 1.84 2.43
C VAL A 6 -3.12 0.76 3.34
N ILE A 7 -2.48 -0.21 2.71
CA ILE A 7 -1.79 -1.28 3.43
C ILE A 7 -0.33 -0.86 3.64
N ASP A 8 0.03 0.27 3.01
CA ASP A 8 1.38 0.92 3.05
C ASP A 8 2.35 0.24 2.09
N THR A 1 1.83 -2.25 1.39
CA THR A 1 2.96 -2.02 0.46
C THR A 1 2.69 -0.90 -0.58
N PHE A 2 3.59 -0.77 -1.54
CA PHE A 2 3.49 0.27 -2.55
C PHE A 2 2.39 -0.03 -3.56
N PHE A 3 1.94 -1.27 -3.60
CA PHE A 3 0.86 -1.64 -4.49
C PHE A 3 -0.48 -1.20 -3.90
N ASN A 4 -0.54 -1.09 -2.60
CA ASN A 4 -1.73 -0.62 -1.93
C ASN A 4 -1.29 0.42 -0.92
N PRO A 5 -1.15 1.69 -1.37
CA PRO A 5 -0.57 2.77 -0.55
C PRO A 5 -1.21 2.95 0.82
N VAL A 6 -2.47 2.63 0.90
CA VAL A 6 -3.18 2.80 2.14
C VAL A 6 -3.04 1.57 3.03
N ILE A 7 -3.36 0.42 2.52
CA ILE A 7 -3.41 -0.78 3.34
C ILE A 7 -2.10 -1.59 3.37
N ASP A 8 -1.50 -1.85 2.24
CA ASP A 8 -0.38 -2.82 2.18
C ASP A 8 0.59 -2.56 1.04
N THR A 1 1.80 -1.89 1.50
CA THR A 1 2.91 -1.98 0.56
C THR A 1 2.66 -1.02 -0.63
N PHE A 2 3.65 -0.83 -1.49
CA PHE A 2 3.58 0.13 -2.60
C PHE A 2 2.37 -0.04 -3.52
N PHE A 3 1.94 -1.28 -3.78
CA PHE A 3 0.79 -1.50 -4.65
C PHE A 3 -0.52 -1.07 -3.97
N ASN A 4 -0.53 -1.11 -2.66
CA ASN A 4 -1.68 -0.70 -1.88
C ASN A 4 -1.26 0.34 -0.86
N PRO A 5 -1.06 1.60 -1.30
CA PRO A 5 -0.51 2.67 -0.46
C PRO A 5 -1.35 2.99 0.76
N VAL A 6 -2.63 2.69 0.68
CA VAL A 6 -3.52 2.94 1.78
C VAL A 6 -3.50 1.77 2.76
N ILE A 7 -3.17 0.60 2.27
CA ILE A 7 -3.17 -0.56 3.12
C ILE A 7 -1.80 -0.80 3.76
N ASP A 8 -0.73 -0.79 2.94
CA ASP A 8 0.63 -1.09 3.46
C ASP A 8 1.72 -0.93 2.40
N THR A 1 1.97 -1.55 1.63
CA THR A 1 2.51 -2.05 0.37
C THR A 1 2.53 -0.93 -0.68
N PHE A 2 3.52 -0.89 -1.56
CA PHE A 2 3.54 0.18 -2.56
C PHE A 2 2.39 0.00 -3.56
N PHE A 3 1.98 -1.25 -3.75
CA PHE A 3 0.87 -1.56 -4.64
C PHE A 3 -0.46 -1.17 -4.00
N ASN A 4 -0.49 -1.13 -2.68
CA ASN A 4 -1.66 -0.71 -1.93
C ASN A 4 -1.18 0.28 -0.86
N PRO A 5 -0.99 1.55 -1.24
CA PRO A 5 -0.41 2.58 -0.36
C PRO A 5 -1.29 2.93 0.85
N VAL A 6 -2.50 2.43 0.85
CA VAL A 6 -3.40 2.65 1.95
C VAL A 6 -2.99 1.78 3.13
N ILE A 7 -2.61 0.53 2.85
CA ILE A 7 -2.24 -0.37 3.93
C ILE A 7 -0.76 -0.23 4.32
N ASP A 8 0.14 -0.23 3.31
CA ASP A 8 1.61 -0.16 3.54
C ASP A 8 2.34 -0.43 2.25
N THR A 1 1.93 -1.43 1.58
CA THR A 1 2.45 -1.99 0.34
C THR A 1 2.58 -0.90 -0.74
N PHE A 2 3.57 -1.02 -1.61
CA PHE A 2 3.77 -0.08 -2.71
C PHE A 2 2.56 -0.13 -3.67
N PHE A 3 2.00 -1.32 -3.79
CA PHE A 3 0.86 -1.53 -4.66
C PHE A 3 -0.44 -1.11 -3.97
N ASN A 4 -0.41 -1.06 -2.64
CA ASN A 4 -1.59 -0.67 -1.86
C ASN A 4 -1.20 0.35 -0.80
N PRO A 5 -1.10 1.64 -1.18
CA PRO A 5 -0.69 2.73 -0.27
C PRO A 5 -1.51 2.82 1.02
N VAL A 6 -2.73 2.32 0.99
CA VAL A 6 -3.61 2.36 2.16
C VAL A 6 -3.10 1.45 3.30
N ILE A 7 -2.52 0.31 2.97
CA ILE A 7 -2.05 -0.57 4.01
C ILE A 7 -0.59 -0.30 4.37
N ASP A 8 0.28 -0.22 3.34
CA ASP A 8 1.76 -0.02 3.50
C ASP A 8 2.45 -0.40 2.22
N THR A 1 1.82 -0.80 1.30
CA THR A 1 2.58 -1.71 0.53
C THR A 1 2.84 -0.99 -0.80
N PHE A 2 3.69 -1.53 -1.64
CA PHE A 2 4.08 -0.85 -2.88
C PHE A 2 2.89 -0.49 -3.79
N PHE A 3 1.97 -1.39 -3.97
CA PHE A 3 0.79 -1.11 -4.79
C PHE A 3 -0.43 -0.85 -3.94
N ASN A 4 -0.25 -0.84 -2.64
CA ASN A 4 -1.39 -0.68 -1.73
C ASN A 4 -1.11 0.42 -0.73
N PRO A 5 -1.52 1.66 -1.02
CA PRO A 5 -1.27 2.80 -0.13
C PRO A 5 -1.88 2.64 1.28
N VAL A 6 -3.16 2.29 1.35
CA VAL A 6 -3.83 2.21 2.65
C VAL A 6 -3.32 1.02 3.48
N ILE A 7 -2.91 -0.04 2.81
CA ILE A 7 -2.39 -1.23 3.49
C ILE A 7 -0.88 -1.02 3.74
N ASP A 8 -0.36 0.01 3.11
CA ASP A 8 1.05 0.40 3.16
C ASP A 8 1.93 -0.68 2.57
N THR A 1 1.79 -1.34 1.60
CA THR A 1 2.63 -1.83 0.52
C THR A 1 2.62 -0.89 -0.72
N PHE A 2 3.65 -1.00 -1.56
CA PHE A 2 3.81 -0.20 -2.78
C PHE A 2 2.55 -0.19 -3.65
N PHE A 3 1.96 -1.35 -3.85
CA PHE A 3 0.82 -1.47 -4.73
C PHE A 3 -0.47 -1.04 -4.03
N ASN A 4 -0.47 -1.06 -2.71
CA ASN A 4 -1.63 -0.65 -1.92
C ASN A 4 -1.21 0.29 -0.82
N PRO A 5 -1.09 1.60 -1.12
CA PRO A 5 -0.60 2.60 -0.17
C PRO A 5 -1.55 2.82 1.01
N VAL A 6 -2.81 2.53 0.80
CA VAL A 6 -3.81 2.69 1.85
C VAL A 6 -3.64 1.56 2.86
N ILE A 7 -3.09 0.44 2.42
CA ILE A 7 -2.83 -0.66 3.30
C ILE A 7 -1.42 -0.50 3.90
N ASP A 8 -0.43 -0.24 3.02
CA ASP A 8 1.00 0.06 3.38
C ASP A 8 1.93 -0.19 2.20
N THR A 1 1.86 -0.81 1.31
CA THR A 1 2.64 -1.73 0.52
C THR A 1 2.88 -1.06 -0.85
N PHE A 2 3.77 -1.61 -1.68
CA PHE A 2 4.17 -1.02 -2.98
C PHE A 2 2.98 -0.57 -3.84
N PHE A 3 1.97 -1.40 -3.96
CA PHE A 3 0.81 -1.07 -4.76
C PHE A 3 -0.41 -0.80 -3.89
N ASN A 4 -0.22 -0.76 -2.60
CA ASN A 4 -1.35 -0.61 -1.69
C ASN A 4 -1.12 0.51 -0.71
N PRO A 5 -1.64 1.70 -0.98
CA PRO A 5 -1.46 2.85 -0.10
C PRO A 5 -2.12 2.68 1.28
N VAL A 6 -3.33 2.11 1.33
CA VAL A 6 -4.03 2.00 2.62
C VAL A 6 -3.56 0.79 3.42
N ILE A 7 -2.96 -0.17 2.73
CA ILE A 7 -2.43 -1.37 3.41
C ILE A 7 -0.97 -1.10 3.80
N ASP A 8 -0.39 -0.11 3.12
CA ASP A 8 1.02 0.28 3.25
C ASP A 8 1.89 -0.79 2.62
N THR A 1 2.16 -1.37 1.78
CA THR A 1 2.77 -1.96 0.62
C THR A 1 2.66 -1.02 -0.62
N PHE A 2 3.63 -1.08 -1.51
CA PHE A 2 3.73 -0.19 -2.66
C PHE A 2 2.48 -0.14 -3.54
N PHE A 3 1.90 -1.28 -3.86
CA PHE A 3 0.78 -1.30 -4.79
C PHE A 3 -0.54 -0.98 -4.08
N ASN A 4 -0.53 -1.03 -2.78
CA ASN A 4 -1.69 -0.71 -1.97
C ASN A 4 -1.29 0.27 -0.88
N PRO A 5 -1.15 1.57 -1.24
CA PRO A 5 -0.64 2.63 -0.35
C PRO A 5 -1.49 2.87 0.91
N VAL A 6 -2.69 2.34 0.91
CA VAL A 6 -3.58 2.48 2.05
C VAL A 6 -3.12 1.58 3.22
N ILE A 7 -2.55 0.42 2.91
CA ILE A 7 -2.11 -0.46 3.96
C ILE A 7 -0.66 -0.17 4.35
N ASP A 8 0.22 -0.09 3.33
CA ASP A 8 1.67 0.16 3.52
C ASP A 8 2.41 -0.17 2.25
N THR A 1 1.88 -1.17 1.58
CA THR A 1 2.51 -1.90 0.50
C THR A 1 2.62 -0.95 -0.74
N PHE A 2 3.62 -1.13 -1.59
CA PHE A 2 3.82 -0.21 -2.73
C PHE A 2 2.65 -0.20 -3.71
N PHE A 3 1.98 -1.33 -3.84
CA PHE A 3 0.84 -1.42 -4.73
C PHE A 3 -0.46 -1.02 -4.01
N ASN A 4 -0.42 -1.02 -2.69
CA ASN A 4 -1.59 -0.70 -1.89
C ASN A 4 -1.20 0.31 -0.82
N PRO A 5 -1.28 1.62 -1.14
CA PRO A 5 -0.77 2.69 -0.27
C PRO A 5 -1.39 2.73 1.13
N VAL A 6 -2.67 2.39 1.22
CA VAL A 6 -3.36 2.41 2.51
C VAL A 6 -2.90 1.23 3.36
N ILE A 7 -2.55 0.16 2.68
CA ILE A 7 -2.06 -1.04 3.34
C ILE A 7 -0.54 -0.91 3.59
N ASP A 8 0.04 0.17 3.05
CA ASP A 8 1.48 0.56 3.18
C ASP A 8 2.34 -0.07 2.10
N THR A 1 1.94 -0.76 1.22
CA THR A 1 2.76 -1.69 0.54
C THR A 1 2.90 -1.11 -0.87
N PHE A 2 3.86 -1.57 -1.65
CA PHE A 2 4.21 -1.02 -2.97
C PHE A 2 2.99 -0.65 -3.85
N PHE A 3 1.99 -1.51 -3.94
CA PHE A 3 0.83 -1.22 -4.78
C PHE A 3 -0.40 -0.79 -3.99
N ASN A 4 -0.30 -0.79 -2.67
CA ASN A 4 -1.46 -0.48 -1.85
C ASN A 4 -1.14 0.55 -0.77
N PRO A 5 -1.72 1.76 -0.86
CA PRO A 5 -1.44 2.84 0.08
C PRO A 5 -2.23 2.75 1.40
N VAL A 6 -3.18 1.83 1.47
CA VAL A 6 -4.04 1.69 2.65
C VAL A 6 -3.34 0.84 3.72
N ILE A 7 -2.84 -0.30 3.30
CA ILE A 7 -2.09 -1.19 4.17
C ILE A 7 -0.63 -0.72 4.20
N ASP A 8 -0.27 0.03 3.15
CA ASP A 8 1.07 0.57 2.93
C ASP A 8 2.01 -0.51 2.48
N THR A 1 1.53 -2.09 1.24
CA THR A 1 2.73 -2.00 0.42
C THR A 1 2.64 -0.86 -0.60
N PHE A 2 3.52 -0.84 -1.58
CA PHE A 2 3.56 0.21 -2.58
C PHE A 2 2.34 0.06 -3.50
N PHE A 3 1.99 -1.18 -3.77
CA PHE A 3 0.83 -1.54 -4.58
C PHE A 3 -0.48 -1.24 -3.82
N ASN A 4 -0.37 -1.10 -2.52
CA ASN A 4 -1.53 -0.81 -1.70
C ASN A 4 -1.16 0.34 -0.78
N PRO A 5 -1.08 1.58 -1.32
CA PRO A 5 -0.56 2.76 -0.62
C PRO A 5 -1.15 3.01 0.76
N VAL A 6 -2.44 2.85 0.88
CA VAL A 6 -3.11 3.16 2.13
C VAL A 6 -3.01 2.00 3.11
N ILE A 7 -3.22 0.80 2.65
CA ILE A 7 -3.29 -0.33 3.54
C ILE A 7 -1.92 -0.92 3.89
N ASP A 8 -1.04 -1.08 2.91
CA ASP A 8 0.19 -1.80 3.24
C ASP A 8 1.41 -1.45 2.38
#